data_1I1C
#
_entry.id   1I1C
#
_cell.length_a   42.503
_cell.length_b   73.362
_cell.length_c   82.157
_cell.angle_alpha   90.00
_cell.angle_beta   102.74
_cell.angle_gamma   90.00
#
_symmetry.space_group_name_H-M   'P 1 21 1'
#
loop_
_entity.id
_entity.type
_entity.pdbx_description
1 polymer 'IG GAMMA-2A CHAIN C REGION'
2 branched 2-acetamido-2-deoxy-beta-D-glucopyranose-(1-2)-alpha-D-mannopyranose-(1-3)-[2-acetamido-2-deoxy-beta-D-glucopyranose-(1-2)-alpha-D-mannopyranose-(1-6)]beta-D-mannopyranose-(1-4)-2-acetamido-2-deoxy-beta-D-glucopyranose-(1-4)-[beta-L-fucopyranose-(1-6)]2-acetamido-2-deoxy-beta-D-glucopyranose
3 branched 2-acetamido-2-deoxy-beta-D-glucopyranose-(1-2)-alpha-D-mannopyranose-(1-3)-[2-acetamido-2-deoxy-beta-D-glucopyranose-(1-2)-alpha-D-mannopyranose-(1-6)]beta-D-mannopyranose-(1-4)-2-acetamido-2-deoxy-beta-D-glucopyranose-(1-4)-[alpha-L-fucopyranose-(1-6)]2-acetamido-2-deoxy-beta-D-glucopyranose
#
_entity_poly.entity_id   1
_entity_poly.type   'polypeptide(L)'
_entity_poly.pdbx_seq_one_letter_code
;VPRECNPCGCTGSEVSSVFIFPPKTKDVLGGGLTPKVTCVVVDISQNDPEVRFSWFIDDVEVHTAQTHAPEKQSNSTLRS
VSELPIVERDWLNGKTFKCKVNSGAFPAPIEKSISKPEGTPRGPQVYTMAPPKEEMTQSQVSITCMVKGFYPPDIYTEWK
MNGQPQENYKNTPPTMDTDGSYFLYSKLNVKKETWQQGNTFTCSVLHEGLENEHTEKSLSHSPGKGIEGRGSSHHHHHH
;
_entity_poly.pdbx_strand_id   A,B
#
# COMPACT_ATOMS: atom_id res chain seq x y z
N SER A 17 -24.68 9.63 -2.69
CA SER A 17 -23.39 8.92 -2.91
C SER A 17 -23.37 7.56 -2.18
N VAL A 18 -22.99 6.51 -2.90
CA VAL A 18 -22.94 5.15 -2.36
C VAL A 18 -21.59 4.44 -2.57
N PHE A 19 -21.26 3.48 -1.71
CA PHE A 19 -20.00 2.73 -1.81
C PHE A 19 -20.19 1.26 -1.42
N ILE A 20 -19.59 0.36 -2.19
CA ILE A 20 -19.70 -1.07 -1.91
C ILE A 20 -18.33 -1.64 -1.52
N PHE A 21 -18.32 -2.58 -0.58
CA PHE A 21 -17.07 -3.17 -0.08
C PHE A 21 -17.05 -4.70 -0.07
N PRO A 22 -15.89 -5.29 -0.41
CA PRO A 22 -15.72 -6.74 -0.44
C PRO A 22 -15.71 -7.38 0.93
N PRO A 23 -15.89 -8.70 0.99
CA PRO A 23 -15.91 -9.44 2.25
C PRO A 23 -14.49 -9.41 2.82
N LYS A 24 -14.35 -9.73 4.10
CA LYS A 24 -13.04 -9.78 4.74
C LYS A 24 -12.38 -11.13 4.41
N THR A 25 -11.10 -11.09 4.04
CA THR A 25 -10.36 -12.30 3.71
C THR A 25 -10.42 -13.34 4.83
N LYS A 26 -10.33 -12.88 6.06
CA LYS A 26 -10.40 -13.79 7.19
C LYS A 26 -11.71 -14.57 7.11
N ASP A 27 -12.81 -13.85 6.88
CA ASP A 27 -14.13 -14.47 6.81
C ASP A 27 -14.33 -15.35 5.58
N VAL A 28 -13.88 -14.88 4.42
CA VAL A 28 -14.05 -15.66 3.21
C VAL A 28 -13.32 -16.99 3.26
N LEU A 29 -12.11 -16.99 3.83
CA LEU A 29 -11.32 -18.21 3.92
C LEU A 29 -11.49 -18.90 5.28
N GLY A 30 -12.74 -19.01 5.71
CA GLY A 30 -13.09 -19.66 6.96
C GLY A 30 -12.38 -19.28 8.23
N GLY A 31 -11.35 -18.45 8.12
CA GLY A 31 -10.61 -18.03 9.31
C GLY A 31 -11.43 -17.31 10.35
N GLY A 32 -12.73 -17.14 10.11
CA GLY A 32 -13.55 -16.44 11.08
C GLY A 32 -15.04 -16.39 10.83
N LEU A 33 -15.62 -15.24 11.16
CA LEU A 33 -17.05 -14.97 11.02
C LEU A 33 -17.65 -15.30 9.67
N THR A 34 -18.87 -14.82 9.44
CA THR A 34 -19.55 -15.05 8.17
C THR A 34 -19.18 -13.90 7.25
N PRO A 35 -18.76 -14.21 6.02
CA PRO A 35 -18.39 -13.17 5.04
C PRO A 35 -19.58 -12.28 4.68
N LYS A 36 -19.30 -11.02 4.36
CA LYS A 36 -20.33 -10.08 4.01
C LYS A 36 -19.93 -9.01 3.01
N VAL A 37 -20.81 -8.72 2.06
CA VAL A 37 -20.59 -7.65 1.09
C VAL A 37 -21.27 -6.47 1.80
N THR A 38 -20.56 -5.36 1.99
CA THR A 38 -21.16 -4.21 2.65
C THR A 38 -21.41 -3.04 1.71
N CYS A 39 -22.58 -2.43 1.85
CA CYS A 39 -22.95 -1.28 1.02
C CYS A 39 -23.19 -0.09 1.94
N VAL A 40 -22.44 0.98 1.73
CA VAL A 40 -22.53 2.17 2.56
C VAL A 40 -23.06 3.38 1.79
N VAL A 41 -24.09 4.02 2.35
CA VAL A 41 -24.70 5.20 1.73
C VAL A 41 -24.42 6.46 2.55
N VAL A 42 -23.67 7.39 1.95
CA VAL A 42 -23.32 8.65 2.62
C VAL A 42 -24.01 9.84 1.97
N ASP A 43 -23.94 10.99 2.65
CA ASP A 43 -24.55 12.22 2.16
C ASP A 43 -26.05 12.03 1.93
N ILE A 44 -26.74 11.71 3.02
CA ILE A 44 -28.18 11.51 2.98
C ILE A 44 -28.87 12.74 3.56
N SER A 45 -29.86 13.25 2.82
CA SER A 45 -30.60 14.44 3.27
C SER A 45 -31.19 14.16 4.64
N GLN A 46 -30.74 14.93 5.63
CA GLN A 46 -31.24 14.76 6.99
C GLN A 46 -32.77 14.78 7.00
N ASN A 47 -33.35 15.21 5.89
CA ASN A 47 -34.80 15.30 5.73
C ASN A 47 -35.47 13.98 5.33
N ASP A 48 -34.88 13.28 4.37
CA ASP A 48 -35.46 12.01 3.92
C ASP A 48 -34.52 10.83 4.09
N PRO A 49 -34.26 10.39 5.34
CA PRO A 49 -33.38 9.26 5.63
C PRO A 49 -34.02 7.88 5.49
N GLU A 50 -35.11 7.80 4.73
CA GLU A 50 -35.80 6.53 4.54
C GLU A 50 -35.23 5.83 3.31
N VAL A 51 -33.97 5.39 3.43
CA VAL A 51 -33.27 4.72 2.36
C VAL A 51 -33.59 3.23 2.33
N ARG A 52 -33.72 2.67 1.13
CA ARG A 52 -34.03 1.25 0.98
C ARG A 52 -32.99 0.52 0.14
N PHE A 53 -32.61 -0.66 0.61
CA PHE A 53 -31.61 -1.49 -0.04
C PHE A 53 -32.21 -2.72 -0.73
N SER A 54 -31.66 -3.05 -1.89
CA SER A 54 -32.08 -4.21 -2.68
C SER A 54 -30.83 -4.92 -3.12
N TRP A 55 -30.67 -6.17 -2.70
CA TRP A 55 -29.49 -6.95 -3.04
C TRP A 55 -29.73 -8.04 -4.07
N PHE A 56 -28.76 -8.20 -4.96
CA PHE A 56 -28.83 -9.21 -6.00
C PHE A 56 -27.52 -9.96 -6.13
N ILE A 57 -27.65 -11.21 -6.57
CA ILE A 57 -26.51 -12.08 -6.79
C ILE A 57 -26.69 -12.48 -8.26
N ASP A 58 -25.95 -11.82 -9.13
CA ASP A 58 -26.04 -12.06 -10.57
C ASP A 58 -27.45 -11.68 -11.05
N ASP A 59 -27.91 -10.53 -10.53
CA ASP A 59 -29.21 -9.95 -10.85
C ASP A 59 -30.47 -10.65 -10.36
N VAL A 60 -30.32 -11.49 -9.33
CA VAL A 60 -31.44 -12.19 -8.74
C VAL A 60 -31.53 -11.65 -7.32
N GLU A 61 -32.59 -10.90 -7.03
CA GLU A 61 -32.77 -10.31 -5.70
C GLU A 61 -32.81 -11.34 -4.55
N VAL A 62 -32.26 -10.93 -3.41
CA VAL A 62 -32.23 -11.77 -2.21
C VAL A 62 -32.78 -10.91 -1.06
N HIS A 63 -33.18 -11.56 0.03
CA HIS A 63 -33.76 -10.84 1.16
C HIS A 63 -33.08 -11.17 2.48
N THR A 64 -31.89 -11.76 2.40
CA THR A 64 -31.15 -12.15 3.60
C THR A 64 -30.28 -11.02 4.15
N ALA A 65 -30.32 -9.86 3.50
CA ALA A 65 -29.53 -8.72 3.94
C ALA A 65 -30.02 -8.16 5.29
N GLN A 66 -29.15 -7.40 5.94
CA GLN A 66 -29.47 -6.80 7.22
C GLN A 66 -29.04 -5.35 7.16
N THR A 67 -30.02 -4.45 7.17
CA THR A 67 -29.74 -3.02 7.10
C THR A 67 -29.73 -2.37 8.48
N HIS A 68 -28.83 -1.42 8.68
CA HIS A 68 -28.72 -0.73 9.95
C HIS A 68 -29.33 0.66 9.87
N ALA A 69 -29.83 1.17 11.00
CA ALA A 69 -30.43 2.49 11.04
C ALA A 69 -29.40 3.52 10.62
N PRO A 70 -29.85 4.68 10.14
CA PRO A 70 -28.88 5.71 9.73
C PRO A 70 -28.29 6.46 10.92
N GLU A 71 -27.09 7.02 10.74
CA GLU A 71 -26.41 7.76 11.81
C GLU A 71 -25.98 9.14 11.35
N LYS A 72 -26.00 10.10 12.28
CA LYS A 72 -25.60 11.47 11.96
C LYS A 72 -24.09 11.65 11.95
N GLN A 73 -23.61 12.47 11.04
CA GLN A 73 -22.18 12.75 10.90
C GLN A 73 -21.99 14.23 11.23
N SER A 74 -20.73 14.64 11.38
CA SER A 74 -20.42 16.03 11.69
C SER A 74 -21.15 17.00 10.76
N ASN A 75 -21.05 16.76 9.46
CA ASN A 75 -21.69 17.62 8.46
C ASN A 75 -23.21 17.50 8.37
N SER A 76 -23.86 17.23 9.50
CA SER A 76 -25.32 17.13 9.56
C SER A 76 -25.94 16.20 8.51
N THR A 77 -25.12 15.38 7.86
CA THR A 77 -25.64 14.43 6.86
C THR A 77 -25.79 13.08 7.53
N LEU A 78 -26.40 12.13 6.82
CA LEU A 78 -26.59 10.80 7.39
C LEU A 78 -25.79 9.74 6.65
N ARG A 79 -25.75 8.56 7.24
CA ARG A 79 -25.01 7.44 6.68
C ARG A 79 -25.73 6.14 7.04
N SER A 80 -25.94 5.30 6.04
CA SER A 80 -26.61 4.02 6.26
C SER A 80 -25.75 2.88 5.76
N VAL A 81 -25.74 1.78 6.53
CA VAL A 81 -24.95 0.61 6.19
C VAL A 81 -25.81 -0.65 6.04
N SER A 82 -25.59 -1.41 4.97
CA SER A 82 -26.33 -2.62 4.75
C SER A 82 -25.33 -3.74 4.52
N GLU A 83 -25.58 -4.91 5.13
CA GLU A 83 -24.67 -6.04 5.00
C GLU A 83 -25.32 -7.31 4.47
N LEU A 84 -24.83 -7.76 3.31
CA LEU A 84 -25.36 -8.96 2.71
C LEU A 84 -24.51 -10.17 3.09
N PRO A 85 -25.02 -11.02 3.99
CA PRO A 85 -24.24 -12.19 4.39
C PRO A 85 -24.16 -13.13 3.18
N ILE A 86 -22.97 -13.62 2.86
CA ILE A 86 -22.80 -14.49 1.71
C ILE A 86 -22.11 -15.84 2.00
N VAL A 87 -22.04 -16.68 0.98
CA VAL A 87 -21.40 -17.99 1.08
C VAL A 87 -19.99 -17.87 0.45
N GLU A 88 -18.99 -18.41 1.14
CA GLU A 88 -17.61 -18.35 0.67
C GLU A 88 -17.40 -18.75 -0.78
N ARG A 89 -18.19 -19.71 -1.24
CA ARG A 89 -18.09 -20.21 -2.60
C ARG A 89 -18.56 -19.19 -3.65
N ASP A 90 -19.70 -18.55 -3.39
CA ASP A 90 -20.25 -17.57 -4.33
C ASP A 90 -19.24 -16.49 -4.64
N TRP A 91 -18.42 -16.14 -3.65
CA TRP A 91 -17.43 -15.09 -3.84
C TRP A 91 -16.22 -15.64 -4.58
N LEU A 92 -15.69 -16.76 -4.10
CA LEU A 92 -14.53 -17.37 -4.73
C LEU A 92 -14.83 -17.73 -6.17
N ASN A 93 -16.08 -18.11 -6.44
CA ASN A 93 -16.48 -18.50 -7.79
C ASN A 93 -16.75 -17.36 -8.74
N GLY A 94 -16.52 -16.12 -8.29
CA GLY A 94 -16.70 -14.98 -9.16
C GLY A 94 -18.09 -14.43 -9.41
N LYS A 95 -19.08 -14.76 -8.59
CA LYS A 95 -20.42 -14.24 -8.80
C LYS A 95 -20.45 -12.74 -8.50
N THR A 96 -21.36 -12.02 -9.13
CA THR A 96 -21.45 -10.57 -8.92
C THR A 96 -22.52 -10.19 -7.92
N PHE A 97 -22.12 -9.41 -6.94
CA PHE A 97 -23.03 -8.95 -5.90
C PHE A 97 -23.43 -7.53 -6.23
N LYS A 98 -24.73 -7.31 -6.33
CA LYS A 98 -25.27 -6.01 -6.70
C LYS A 98 -26.17 -5.44 -5.62
N CYS A 99 -25.87 -4.24 -5.17
CA CYS A 99 -26.69 -3.59 -4.16
C CYS A 99 -27.32 -2.35 -4.80
N LYS A 100 -28.65 -2.35 -4.88
CA LYS A 100 -29.41 -1.26 -5.49
C LYS A 100 -30.13 -0.43 -4.44
N VAL A 101 -29.79 0.86 -4.34
CA VAL A 101 -30.40 1.73 -3.34
C VAL A 101 -31.17 2.92 -3.93
N ASN A 102 -32.47 2.93 -3.68
CA ASN A 102 -33.35 4.00 -4.15
C ASN A 102 -33.68 4.87 -2.95
N SER A 103 -33.07 6.05 -2.92
CA SER A 103 -33.23 7.01 -1.83
C SER A 103 -34.68 7.34 -1.51
N GLY A 104 -35.55 7.28 -2.50
CA GLY A 104 -36.96 7.59 -2.27
C GLY A 104 -37.16 9.09 -2.38
N ALA A 105 -36.06 9.81 -2.20
CA ALA A 105 -36.05 11.27 -2.28
C ALA A 105 -35.00 11.60 -3.31
N PHE A 106 -34.52 10.57 -4.00
CA PHE A 106 -33.51 10.76 -5.03
C PHE A 106 -34.19 10.61 -6.39
N PRO A 107 -33.63 11.30 -7.41
CA PRO A 107 -34.14 11.28 -8.79
C PRO A 107 -34.25 9.86 -9.34
N ALA A 108 -33.19 9.08 -9.12
CA ALA A 108 -33.16 7.71 -9.62
C ALA A 108 -32.43 6.77 -8.67
N PRO A 109 -32.68 5.45 -8.82
CA PRO A 109 -32.04 4.44 -7.98
C PRO A 109 -30.54 4.44 -8.24
N ILE A 110 -29.74 4.21 -7.21
CA ILE A 110 -28.29 4.15 -7.38
C ILE A 110 -27.83 2.72 -7.20
N GLU A 111 -26.92 2.27 -8.08
CA GLU A 111 -26.40 0.90 -8.01
C GLU A 111 -24.89 0.86 -7.90
N LYS A 112 -24.41 -0.23 -7.31
CA LYS A 112 -22.98 -0.48 -7.15
C LYS A 112 -22.83 -1.97 -7.10
N SER A 113 -21.84 -2.48 -7.83
CA SER A 113 -21.59 -3.92 -7.90
C SER A 113 -20.17 -4.27 -7.52
N ILE A 114 -19.94 -5.56 -7.27
CA ILE A 114 -18.62 -6.01 -6.88
C ILE A 114 -18.49 -7.52 -7.01
N SER A 115 -17.24 -7.97 -7.14
CA SER A 115 -16.94 -9.39 -7.27
C SER A 115 -15.45 -9.61 -7.04
N LYS A 116 -15.06 -10.84 -6.77
CA LYS A 116 -13.65 -11.18 -6.54
C LYS A 116 -12.78 -10.53 -7.61
N PRO A 117 -11.64 -9.95 -7.23
CA PRO A 117 -10.77 -9.30 -8.22
C PRO A 117 -10.54 -10.25 -9.38
N GLU A 118 -9.71 -9.89 -10.34
CA GLU A 118 -9.64 -10.85 -11.41
C GLU A 118 -8.60 -11.82 -11.82
N GLY A 119 -9.21 -13.03 -12.04
CA GLY A 119 -8.45 -14.15 -12.54
C GLY A 119 -7.89 -15.33 -11.78
N THR A 120 -6.98 -16.00 -12.47
CA THR A 120 -6.33 -17.23 -12.01
C THR A 120 -5.45 -17.11 -10.76
N PRO A 121 -5.86 -17.80 -9.67
CA PRO A 121 -5.19 -17.87 -8.37
C PRO A 121 -3.83 -18.57 -8.34
N ARG A 122 -2.99 -18.13 -7.42
CA ARG A 122 -1.65 -18.66 -7.22
C ARG A 122 -1.36 -18.54 -5.72
N GLY A 123 -1.21 -19.67 -5.05
CA GLY A 123 -0.92 -19.63 -3.62
C GLY A 123 0.51 -19.16 -3.42
N PRO A 124 0.83 -18.49 -2.30
CA PRO A 124 2.19 -18.00 -2.05
C PRO A 124 3.09 -19.02 -1.36
N GLN A 125 4.37 -18.68 -1.23
CA GLN A 125 5.33 -19.53 -0.54
C GLN A 125 5.58 -18.73 0.71
N VAL A 126 5.66 -19.40 1.85
CA VAL A 126 5.88 -18.71 3.11
C VAL A 126 7.19 -19.10 3.77
N TYR A 127 7.99 -18.10 4.10
CA TYR A 127 9.28 -18.30 4.74
C TYR A 127 9.39 -17.43 5.98
N THR A 128 9.95 -17.97 7.05
CA THR A 128 10.12 -17.18 8.25
C THR A 128 11.62 -16.94 8.40
N MET A 129 12.00 -15.77 8.93
CA MET A 129 13.40 -15.45 9.13
C MET A 129 13.66 -14.91 10.53
N ALA A 130 14.78 -15.34 11.11
CA ALA A 130 15.17 -14.92 12.44
C ALA A 130 15.61 -13.48 12.40
N PRO A 131 15.81 -12.86 13.57
CA PRO A 131 16.26 -11.46 13.63
C PRO A 131 17.67 -11.38 13.03
N PRO A 132 17.94 -10.33 12.23
CA PRO A 132 19.30 -10.28 11.68
C PRO A 132 20.33 -10.18 12.81
N LYS A 133 21.45 -10.88 12.66
CA LYS A 133 22.51 -10.90 13.67
C LYS A 133 22.81 -9.53 14.29
N GLU A 134 22.97 -8.51 13.44
CA GLU A 134 23.27 -7.16 13.91
C GLU A 134 22.19 -6.58 14.83
N GLU A 135 20.94 -6.97 14.63
CA GLU A 135 19.84 -6.46 15.45
C GLU A 135 19.87 -7.02 16.88
N MET A 136 20.55 -8.14 17.07
CA MET A 136 20.65 -8.77 18.37
C MET A 136 21.27 -7.86 19.44
N THR A 137 21.93 -6.80 19.01
CA THR A 137 22.53 -5.85 19.97
C THR A 137 21.44 -4.97 20.58
N GLN A 138 20.28 -4.96 19.93
CA GLN A 138 19.14 -4.16 20.38
C GLN A 138 18.35 -4.87 21.46
N SER A 139 17.47 -4.13 22.12
CA SER A 139 16.64 -4.69 23.19
C SER A 139 15.37 -5.25 22.60
N GLN A 140 15.05 -4.81 21.39
CA GLN A 140 13.90 -5.29 20.68
C GLN A 140 14.36 -5.83 19.33
N VAL A 141 13.82 -7.00 18.97
CA VAL A 141 14.20 -7.63 17.72
C VAL A 141 12.99 -7.93 16.84
N SER A 142 13.28 -8.25 15.58
CA SER A 142 12.25 -8.51 14.59
C SER A 142 12.23 -9.94 14.07
N ILE A 143 11.06 -10.55 14.08
CA ILE A 143 10.92 -11.87 13.52
C ILE A 143 10.18 -11.57 12.21
N THR A 144 10.74 -12.01 11.09
CA THR A 144 10.19 -11.72 9.78
C THR A 144 9.51 -12.88 9.07
N CYS A 145 8.40 -12.59 8.39
CA CYS A 145 7.70 -13.62 7.61
C CYS A 145 7.58 -13.12 6.19
N MET A 146 8.17 -13.85 5.25
CA MET A 146 8.07 -13.46 3.84
C MET A 146 7.01 -14.28 3.14
N VAL A 147 6.07 -13.59 2.50
CA VAL A 147 4.99 -14.24 1.79
C VAL A 147 5.06 -13.77 0.34
N LYS A 148 5.48 -14.66 -0.55
CA LYS A 148 5.61 -14.28 -1.96
C LYS A 148 4.98 -15.21 -3.00
N GLY A 149 4.75 -14.64 -4.18
CA GLY A 149 4.17 -15.35 -5.30
C GLY A 149 2.68 -15.60 -5.25
N PHE A 150 1.88 -14.67 -4.73
CA PHE A 150 0.45 -14.91 -4.66
C PHE A 150 -0.43 -13.99 -5.50
N TYR A 151 -1.64 -14.47 -5.74
CA TYR A 151 -2.64 -13.76 -6.52
C TYR A 151 -3.98 -14.48 -6.38
N PRO A 152 -5.09 -13.73 -6.24
CA PRO A 152 -5.13 -12.26 -6.20
C PRO A 152 -4.46 -11.73 -4.94
N PRO A 153 -4.38 -10.40 -4.80
CA PRO A 153 -3.75 -9.82 -3.61
C PRO A 153 -4.65 -9.75 -2.38
N ASP A 154 -5.65 -10.63 -2.30
CA ASP A 154 -6.55 -10.69 -1.15
C ASP A 154 -5.91 -11.74 -0.24
N ILE A 155 -5.48 -11.33 0.93
CA ILE A 155 -4.77 -12.25 1.80
C ILE A 155 -4.89 -11.87 3.27
N TYR A 156 -4.49 -12.77 4.14
CA TYR A 156 -4.54 -12.53 5.57
C TYR A 156 -3.30 -13.13 6.24
N THR A 157 -2.62 -12.33 7.05
CA THR A 157 -1.41 -12.78 7.73
C THR A 157 -1.37 -12.34 9.18
N GLU A 158 -1.03 -13.28 10.06
CA GLU A 158 -0.93 -12.98 11.49
C GLU A 158 0.18 -13.81 12.11
N TRP A 159 0.63 -13.39 13.28
CA TRP A 159 1.69 -14.10 13.99
C TRP A 159 1.13 -14.73 15.25
N LYS A 160 1.72 -15.85 15.65
CA LYS A 160 1.32 -16.53 16.88
C LYS A 160 2.60 -16.91 17.61
N MET A 161 2.48 -17.08 18.91
CA MET A 161 3.59 -17.50 19.75
C MET A 161 3.02 -18.54 20.70
N ASN A 162 3.57 -19.75 20.64
CA ASN A 162 3.12 -20.86 21.48
C ASN A 162 1.62 -21.06 21.28
N GLY A 163 1.19 -20.97 20.02
CA GLY A 163 -0.22 -21.13 19.69
C GLY A 163 -1.12 -19.94 19.96
N GLN A 164 -0.61 -18.90 20.63
CA GLN A 164 -1.42 -17.72 20.92
C GLN A 164 -1.22 -16.58 19.92
N PRO A 165 -2.30 -16.10 19.29
CA PRO A 165 -2.17 -15.01 18.32
C PRO A 165 -1.51 -13.80 19.01
N GLN A 166 -0.73 -13.04 18.26
CA GLN A 166 -0.03 -11.89 18.82
C GLN A 166 -0.52 -10.53 18.33
N GLU A 167 -0.34 -9.52 19.16
CA GLU A 167 -0.75 -8.16 18.82
C GLU A 167 0.34 -7.32 18.17
N ASN A 168 1.57 -7.45 18.64
CA ASN A 168 2.67 -6.63 18.13
C ASN A 168 3.37 -7.07 16.84
N TYR A 169 2.68 -6.92 15.72
CA TYR A 169 3.23 -7.26 14.41
C TYR A 169 2.51 -6.38 13.39
N LYS A 170 3.09 -6.25 12.21
CA LYS A 170 2.46 -5.43 11.17
C LYS A 170 2.74 -6.05 9.82
N ASN A 171 1.78 -5.94 8.92
CA ASN A 171 1.90 -6.44 7.57
C ASN A 171 2.03 -5.26 6.63
N THR A 172 2.91 -5.40 5.64
CA THR A 172 3.09 -4.37 4.63
C THR A 172 1.98 -4.67 3.63
N PRO A 173 1.57 -3.67 2.83
CA PRO A 173 0.51 -3.95 1.87
C PRO A 173 1.06 -4.94 0.83
N PRO A 174 0.17 -5.71 0.15
CA PRO A 174 0.70 -6.64 -0.85
C PRO A 174 1.40 -5.77 -1.89
N THR A 175 2.60 -6.16 -2.31
CA THR A 175 3.34 -5.37 -3.30
C THR A 175 3.50 -6.15 -4.61
N MET A 176 3.36 -5.42 -5.71
CA MET A 176 3.47 -5.94 -7.05
C MET A 176 4.92 -6.34 -7.32
N ASP A 177 5.14 -7.60 -7.72
CA ASP A 177 6.49 -8.06 -8.04
C ASP A 177 6.81 -8.01 -9.54
N THR A 178 8.06 -8.22 -9.89
CA THR A 178 8.48 -8.16 -11.29
C THR A 178 7.86 -9.25 -12.16
N ASP A 179 7.44 -10.33 -11.52
CA ASP A 179 6.83 -11.43 -12.27
C ASP A 179 5.30 -11.34 -12.37
N GLY A 180 4.71 -10.30 -11.84
CA GLY A 180 3.27 -10.19 -11.92
C GLY A 180 2.51 -10.57 -10.66
N SER A 181 3.14 -11.37 -9.78
CA SER A 181 2.47 -11.75 -8.53
C SER A 181 2.74 -10.75 -7.41
N TYR A 182 2.11 -10.97 -6.27
CA TYR A 182 2.31 -10.08 -5.13
C TYR A 182 3.13 -10.75 -4.03
N PHE A 183 3.76 -9.93 -3.21
CA PHE A 183 4.52 -10.42 -2.07
C PHE A 183 4.33 -9.42 -0.94
N LEU A 184 4.66 -9.82 0.27
CA LEU A 184 4.57 -8.92 1.40
C LEU A 184 5.37 -9.49 2.57
N TYR A 185 5.73 -8.64 3.51
CA TYR A 185 6.46 -9.08 4.69
C TYR A 185 5.62 -8.70 5.90
N SER A 186 5.72 -9.54 6.93
CA SER A 186 5.00 -9.34 8.18
C SER A 186 6.05 -9.37 9.27
N LYS A 187 6.13 -8.29 10.04
CA LYS A 187 7.13 -8.19 11.10
C LYS A 187 6.56 -8.19 12.53
N LEU A 188 6.99 -9.18 13.30
CA LEU A 188 6.55 -9.30 14.69
C LEU A 188 7.65 -8.67 15.51
N ASN A 189 7.30 -7.71 16.36
CA ASN A 189 8.29 -7.06 17.21
C ASN A 189 8.24 -7.67 18.60
N VAL A 190 9.38 -8.19 19.05
CA VAL A 190 9.47 -8.82 20.37
C VAL A 190 10.71 -8.38 21.13
N LYS A 191 10.69 -8.55 22.45
CA LYS A 191 11.85 -8.19 23.24
C LYS A 191 12.90 -9.25 22.96
N LYS A 192 14.16 -8.84 22.91
CA LYS A 192 15.26 -9.77 22.68
C LYS A 192 15.06 -11.04 23.51
N GLU A 193 14.79 -10.85 24.80
CA GLU A 193 14.56 -11.95 25.73
C GLU A 193 13.64 -13.02 25.15
N THR A 194 12.45 -12.58 24.75
CA THR A 194 11.42 -13.45 24.20
C THR A 194 11.91 -14.33 23.06
N TRP A 195 12.81 -13.81 22.25
CA TRP A 195 13.34 -14.61 21.15
C TRP A 195 14.33 -15.64 21.72
N GLN A 196 15.21 -15.19 22.61
CA GLN A 196 16.21 -16.08 23.21
C GLN A 196 15.61 -17.17 24.09
N GLN A 197 14.49 -16.86 24.73
CA GLN A 197 13.82 -17.82 25.61
C GLN A 197 13.40 -19.07 24.87
N GLY A 198 13.33 -19.01 23.55
CA GLY A 198 12.97 -20.17 22.77
C GLY A 198 11.48 -20.47 22.63
N ASN A 199 10.64 -19.44 22.65
CA ASN A 199 9.22 -19.67 22.47
C ASN A 199 9.04 -19.98 20.99
N THR A 200 7.94 -20.63 20.63
CA THR A 200 7.70 -20.94 19.22
C THR A 200 6.90 -19.82 18.55
N PHE A 201 7.43 -19.29 17.45
CA PHE A 201 6.72 -18.23 16.72
C PHE A 201 6.22 -18.82 15.42
N THR A 202 4.94 -18.61 15.15
CA THR A 202 4.33 -19.14 13.95
C THR A 202 3.72 -18.07 13.08
N CYS A 203 4.07 -18.10 11.79
CA CYS A 203 3.51 -17.17 10.82
C CYS A 203 2.31 -17.86 10.17
N SER A 204 1.12 -17.28 10.34
CA SER A 204 -0.07 -17.89 9.77
C SER A 204 -0.60 -17.09 8.58
N VAL A 205 -0.85 -17.77 7.47
CA VAL A 205 -1.33 -17.14 6.24
C VAL A 205 -2.58 -17.80 5.64
N LEU A 206 -3.55 -16.96 5.27
CA LEU A 206 -4.79 -17.41 4.66
C LEU A 206 -4.87 -16.85 3.24
N HIS A 207 -4.95 -17.75 2.26
CA HIS A 207 -5.07 -17.37 0.87
C HIS A 207 -5.82 -18.50 0.15
N GLU A 208 -6.64 -18.15 -0.84
CA GLU A 208 -7.40 -19.17 -1.56
C GLU A 208 -6.52 -20.15 -2.33
N GLY A 209 -5.33 -19.70 -2.71
CA GLY A 209 -4.43 -20.55 -3.47
C GLY A 209 -3.65 -21.61 -2.69
N LEU A 210 -3.80 -21.60 -1.37
CA LEU A 210 -3.11 -22.57 -0.55
C LEU A 210 -3.99 -23.78 -0.36
N GLU A 211 -3.37 -24.94 -0.14
CA GLU A 211 -4.13 -26.15 0.10
C GLU A 211 -4.84 -25.95 1.44
N ASN A 212 -6.17 -26.08 1.42
CA ASN A 212 -7.02 -25.88 2.59
C ASN A 212 -7.03 -24.39 2.98
N GLU A 213 -6.70 -23.55 2.01
CA GLU A 213 -6.67 -22.10 2.16
C GLU A 213 -5.72 -21.53 3.21
N HIS A 214 -4.76 -22.31 3.66
CA HIS A 214 -3.80 -21.76 4.61
C HIS A 214 -2.58 -22.59 4.89
N THR A 215 -1.56 -21.91 5.40
CA THR A 215 -0.31 -22.55 5.73
C THR A 215 0.31 -21.85 6.94
N GLU A 216 0.98 -22.63 7.77
CA GLU A 216 1.62 -22.09 8.95
C GLU A 216 3.08 -22.48 8.89
N LYS A 217 3.96 -21.61 9.35
CA LYS A 217 5.37 -21.89 9.35
C LYS A 217 5.92 -21.44 10.68
N SER A 218 6.66 -22.32 11.35
CA SER A 218 7.21 -22.00 12.64
C SER A 218 8.73 -21.94 12.71
N LEU A 219 9.23 -21.30 13.77
CA LEU A 219 10.66 -21.19 13.97
C LEU A 219 10.99 -20.71 15.37
N SER A 220 12.27 -20.79 15.73
CA SER A 220 12.73 -20.33 17.02
C SER A 220 14.24 -20.20 17.07
N HIS A 221 14.72 -19.68 18.19
CA HIS A 221 16.13 -19.48 18.43
C HIS A 221 16.86 -20.83 18.37
N SER B 17 -10.94 19.09 -8.60
CA SER B 17 -9.97 18.74 -7.52
C SER B 17 -8.51 18.73 -8.00
N VAL B 18 -7.66 19.53 -7.34
CA VAL B 18 -6.24 19.64 -7.69
C VAL B 18 -5.34 19.09 -6.60
N PHE B 19 -4.49 18.13 -6.96
CA PHE B 19 -3.57 17.54 -6.00
C PHE B 19 -2.11 17.86 -6.34
N ILE B 20 -1.33 18.20 -5.33
CA ILE B 20 0.08 18.53 -5.54
C ILE B 20 0.97 17.50 -4.83
N PHE B 21 2.09 17.15 -5.45
CA PHE B 21 2.99 16.14 -4.90
C PHE B 21 4.44 16.56 -4.80
N PRO B 22 5.14 16.14 -3.73
CA PRO B 22 6.54 16.49 -3.51
C PRO B 22 7.50 15.76 -4.46
N PRO B 23 8.74 16.24 -4.56
CA PRO B 23 9.75 15.64 -5.43
C PRO B 23 10.12 14.27 -4.86
N LYS B 24 10.79 13.46 -5.65
CA LYS B 24 11.19 12.13 -5.20
C LYS B 24 12.52 12.28 -4.46
N THR B 25 12.62 11.60 -3.32
CA THR B 25 13.82 11.64 -2.48
C THR B 25 15.07 11.28 -3.27
N LYS B 26 14.94 10.29 -4.14
CA LYS B 26 16.06 9.88 -4.94
C LYS B 26 16.56 11.08 -5.74
N ASP B 27 15.63 11.76 -6.39
CA ASP B 27 15.98 12.93 -7.19
C ASP B 27 16.50 14.12 -6.40
N VAL B 28 15.84 14.42 -5.28
CA VAL B 28 16.25 15.56 -4.48
C VAL B 28 17.65 15.41 -3.92
N LEU B 29 17.99 14.20 -3.50
CA LEU B 29 19.32 13.96 -2.96
C LEU B 29 20.27 13.39 -4.01
N GLY B 30 20.27 14.02 -5.19
CA GLY B 30 21.13 13.64 -6.30
C GLY B 30 21.20 12.19 -6.74
N GLY B 31 20.58 11.30 -5.98
CA GLY B 31 20.61 9.90 -6.34
C GLY B 31 20.02 9.58 -7.70
N GLY B 32 19.57 10.59 -8.44
CA GLY B 32 19.00 10.33 -9.74
C GLY B 32 18.60 11.53 -10.60
N LEU B 33 17.50 11.37 -11.32
CA LEU B 33 16.95 12.37 -12.22
C LEU B 33 16.83 13.78 -11.65
N THR B 34 16.10 14.63 -12.34
CA THR B 34 15.89 16.00 -11.90
C THR B 34 14.63 16.01 -11.06
N PRO B 35 14.70 16.62 -9.87
CA PRO B 35 13.54 16.69 -8.97
C PRO B 35 12.38 17.46 -9.59
N LYS B 36 11.16 17.12 -9.20
CA LYS B 36 9.98 17.79 -9.73
C LYS B 36 8.80 17.84 -8.78
N VAL B 37 8.13 19.00 -8.75
CA VAL B 37 6.92 19.16 -7.95
C VAL B 37 5.83 18.82 -9.00
N THR B 38 4.95 17.87 -8.69
CA THR B 38 3.91 17.50 -9.65
C THR B 38 2.52 17.94 -9.20
N CYS B 39 1.77 18.49 -10.14
CA CYS B 39 0.42 18.95 -9.85
C CYS B 39 -0.53 18.15 -10.75
N VAL B 40 -1.48 17.46 -10.14
CA VAL B 40 -2.44 16.64 -10.86
C VAL B 40 -3.88 17.14 -10.75
N VAL B 41 -4.54 17.30 -11.89
CA VAL B 41 -5.91 17.77 -11.94
C VAL B 41 -6.86 16.66 -12.39
N VAL B 42 -7.77 16.26 -11.50
CA VAL B 42 -8.73 15.22 -11.81
C VAL B 42 -10.16 15.77 -11.88
N ASP B 43 -11.07 14.95 -12.38
CA ASP B 43 -12.47 15.33 -12.52
C ASP B 43 -12.61 16.58 -13.38
N ILE B 44 -12.17 16.45 -14.63
CA ILE B 44 -12.23 17.53 -15.61
C ILE B 44 -13.39 17.27 -16.56
N SER B 45 -14.25 18.28 -16.75
CA SER B 45 -15.39 18.16 -17.64
C SER B 45 -14.90 17.75 -19.03
N GLN B 46 -15.31 16.58 -19.48
CA GLN B 46 -14.91 16.08 -20.79
C GLN B 46 -15.20 17.14 -21.85
N ASN B 47 -15.98 18.14 -21.49
CA ASN B 47 -16.36 19.24 -22.39
C ASN B 47 -15.32 20.34 -22.49
N ASP B 48 -14.77 20.77 -21.36
CA ASP B 48 -13.77 21.84 -21.37
C ASP B 48 -12.43 21.43 -20.77
N PRO B 49 -11.69 20.56 -21.47
CA PRO B 49 -10.37 20.09 -20.99
C PRO B 49 -9.20 21.04 -21.27
N GLU B 50 -9.50 22.32 -21.47
CA GLU B 50 -8.46 23.30 -21.74
C GLU B 50 -7.99 23.90 -20.42
N VAL B 51 -7.31 23.08 -19.62
CA VAL B 51 -6.82 23.49 -18.32
C VAL B 51 -5.46 24.18 -18.44
N ARG B 52 -5.24 25.21 -17.65
CA ARG B 52 -3.98 25.95 -17.67
C ARG B 52 -3.30 25.97 -16.31
N PHE B 53 -1.99 25.77 -16.33
CA PHE B 53 -1.18 25.74 -15.12
C PHE B 53 -0.29 26.97 -14.97
N SER B 54 -0.16 27.44 -13.73
CA SER B 54 0.67 28.59 -13.40
C SER B 54 1.47 28.22 -12.17
N TRP B 55 2.80 28.20 -12.30
CA TRP B 55 3.65 27.84 -11.20
C TRP B 55 4.40 29.00 -10.57
N PHE B 56 4.52 28.95 -9.25
CA PHE B 56 5.20 29.99 -8.50
C PHE B 56 6.13 29.39 -7.46
N ILE B 57 7.20 30.12 -7.17
CA ILE B 57 8.17 29.74 -6.16
C ILE B 57 8.17 30.93 -5.21
N ASP B 58 7.45 30.79 -4.10
CA ASP B 58 7.31 31.85 -3.11
C ASP B 58 6.59 33.03 -3.77
N ASP B 59 5.55 32.68 -4.52
CA ASP B 59 4.68 33.63 -5.23
C ASP B 59 5.25 34.40 -6.42
N VAL B 60 6.32 33.87 -7.00
CA VAL B 60 6.94 34.47 -8.17
C VAL B 60 6.74 33.44 -9.30
N GLU B 61 5.92 33.78 -10.28
CA GLU B 61 5.64 32.87 -11.38
C GLU B 61 6.88 32.45 -12.17
N VAL B 62 6.87 31.21 -12.64
CA VAL B 62 7.96 30.65 -13.44
C VAL B 62 7.34 30.03 -14.69
N HIS B 63 8.15 29.80 -15.72
CA HIS B 63 7.65 29.23 -16.96
C HIS B 63 8.40 27.99 -17.42
N THR B 64 9.15 27.38 -16.51
CA THR B 64 9.93 26.21 -16.83
C THR B 64 9.15 24.91 -16.70
N ALA B 65 7.87 25.02 -16.34
CA ALA B 65 7.03 23.84 -16.16
C ALA B 65 6.74 23.14 -17.48
N GLN B 66 6.34 21.89 -17.39
CA GLN B 66 6.03 21.08 -18.57
C GLN B 66 4.69 20.39 -18.30
N THR B 67 3.67 20.81 -19.03
CA THR B 67 2.35 20.23 -18.84
C THR B 67 2.05 19.14 -19.87
N HIS B 68 1.36 18.09 -19.45
CA HIS B 68 1.03 16.98 -20.33
C HIS B 68 -0.45 17.04 -20.76
N ALA B 69 -0.73 16.50 -21.93
CA ALA B 69 -2.08 16.50 -22.45
C ALA B 69 -2.99 15.75 -21.49
N PRO B 70 -4.28 16.04 -21.51
CA PRO B 70 -5.19 15.33 -20.61
C PRO B 70 -5.53 13.92 -21.12
N GLU B 71 -5.87 13.03 -20.19
CA GLU B 71 -6.21 11.65 -20.52
C GLU B 71 -7.56 11.23 -19.96
N LYS B 72 -8.26 10.37 -20.69
CA LYS B 72 -9.56 9.88 -20.25
C LYS B 72 -9.46 8.78 -19.20
N GLN B 73 -10.38 8.80 -18.25
CA GLN B 73 -10.42 7.81 -17.19
C GLN B 73 -11.72 7.02 -17.36
N SER B 74 -11.85 5.92 -16.63
CA SER B 74 -13.05 5.09 -16.71
C SER B 74 -14.33 5.93 -16.60
N ASN B 75 -14.40 6.78 -15.58
CA ASN B 75 -15.57 7.62 -15.36
C ASN B 75 -15.76 8.78 -16.34
N SER B 76 -15.35 8.56 -17.58
CA SER B 76 -15.49 9.58 -18.63
C SER B 76 -14.97 10.97 -18.27
N THR B 77 -14.19 11.06 -17.18
CA THR B 77 -13.63 12.34 -16.78
C THR B 77 -12.20 12.43 -17.29
N LEU B 78 -11.58 13.59 -17.16
CA LEU B 78 -10.21 13.75 -17.62
C LEU B 78 -9.25 13.99 -16.48
N ARG B 79 -7.96 13.93 -16.80
CA ARG B 79 -6.90 14.10 -15.82
C ARG B 79 -5.71 14.77 -16.50
N SER B 80 -5.17 15.82 -15.89
CA SER B 80 -4.02 16.52 -16.45
C SER B 80 -2.89 16.58 -15.44
N VAL B 81 -1.66 16.39 -15.93
CA VAL B 81 -0.50 16.42 -15.07
C VAL B 81 0.50 17.48 -15.50
N SER B 82 1.01 18.25 -14.53
CA SER B 82 1.99 19.27 -14.82
C SER B 82 3.18 19.06 -13.89
N GLU B 83 4.39 19.17 -14.43
CA GLU B 83 5.60 18.95 -13.64
C GLU B 83 6.56 20.13 -13.65
N LEU B 84 6.79 20.69 -12.47
CA LEU B 84 7.72 21.81 -12.35
C LEU B 84 9.11 21.32 -11.96
N PRO B 85 10.06 21.35 -12.92
CA PRO B 85 11.42 20.90 -12.59
C PRO B 85 12.02 21.90 -11.63
N ILE B 86 12.63 21.43 -10.54
CA ILE B 86 13.20 22.33 -9.55
C ILE B 86 14.67 22.05 -9.23
N VAL B 87 15.24 22.89 -8.37
CA VAL B 87 16.63 22.77 -7.93
C VAL B 87 16.61 22.18 -6.53
N GLU B 88 17.46 21.18 -6.29
CA GLU B 88 17.53 20.49 -5.01
C GLU B 88 17.60 21.43 -3.79
N ARG B 89 18.27 22.56 -3.96
CA ARG B 89 18.43 23.53 -2.89
C ARG B 89 17.13 24.23 -2.52
N ASP B 90 16.38 24.68 -3.52
CA ASP B 90 15.12 25.37 -3.29
C ASP B 90 14.19 24.55 -2.42
N TRP B 91 14.26 23.24 -2.58
CA TRP B 91 13.40 22.36 -1.80
C TRP B 91 13.94 22.16 -0.41
N LEU B 92 15.22 21.81 -0.32
CA LEU B 92 15.84 21.59 0.97
C LEU B 92 15.78 22.86 1.82
N ASN B 93 15.87 24.00 1.16
CA ASN B 93 15.83 25.29 1.86
C ASN B 93 14.45 25.76 2.31
N GLY B 94 13.44 24.93 2.06
CA GLY B 94 12.09 25.27 2.49
C GLY B 94 11.26 26.26 1.70
N LYS B 95 11.60 26.51 0.44
CA LYS B 95 10.81 27.42 -0.38
C LYS B 95 9.45 26.80 -0.69
N THR B 96 8.44 27.64 -0.90
CA THR B 96 7.11 27.14 -1.19
C THR B 96 6.81 27.11 -2.68
N PHE B 97 6.37 25.95 -3.14
CA PHE B 97 6.02 25.78 -4.55
C PHE B 97 4.50 25.86 -4.66
N LYS B 98 4.04 26.77 -5.51
CA LYS B 98 2.62 27.00 -5.68
C LYS B 98 2.18 26.76 -7.12
N CYS B 99 1.19 25.90 -7.29
CA CYS B 99 0.68 25.62 -8.62
C CYS B 99 -0.76 26.12 -8.68
N LYS B 100 -1.02 27.10 -9.54
CA LYS B 100 -2.34 27.69 -9.69
C LYS B 100 -3.01 27.25 -10.98
N VAL B 101 -4.15 26.59 -10.88
CA VAL B 101 -4.85 26.10 -12.06
C VAL B 101 -6.27 26.66 -12.25
N ASN B 102 -6.45 27.40 -13.33
CA ASN B 102 -7.73 27.99 -13.67
C ASN B 102 -8.32 27.19 -14.81
N SER B 103 -9.34 26.39 -14.46
CA SER B 103 -10.01 25.52 -15.42
C SER B 103 -10.50 26.22 -16.70
N GLY B 104 -10.85 27.50 -16.59
CA GLY B 104 -11.34 28.21 -17.75
C GLY B 104 -12.83 27.98 -17.89
N ALA B 105 -13.28 26.89 -17.28
CA ALA B 105 -14.69 26.51 -17.28
C ALA B 105 -15.08 26.36 -15.83
N PHE B 106 -14.18 26.78 -14.94
CA PHE B 106 -14.43 26.69 -13.52
C PHE B 106 -14.74 28.08 -13.00
N PRO B 107 -15.54 28.16 -11.93
CA PRO B 107 -15.94 29.42 -11.31
C PRO B 107 -14.74 30.27 -10.89
N ALA B 108 -13.76 29.63 -10.28
CA ALA B 108 -12.57 30.33 -9.82
C ALA B 108 -11.31 29.49 -9.95
N PRO B 109 -10.14 30.15 -9.94
CA PRO B 109 -8.85 29.45 -10.05
C PRO B 109 -8.65 28.57 -8.81
N ILE B 110 -8.03 27.42 -8.98
CA ILE B 110 -7.77 26.54 -7.84
C ILE B 110 -6.27 26.51 -7.58
N GLU B 111 -5.90 26.59 -6.31
CA GLU B 111 -4.49 26.60 -5.91
C GLU B 111 -4.15 25.48 -4.94
N LYS B 112 -2.88 25.10 -4.95
CA LYS B 112 -2.35 24.08 -4.08
C LYS B 112 -0.88 24.39 -3.93
N SER B 113 -0.40 24.33 -2.69
CA SER B 113 1.00 24.61 -2.41
C SER B 113 1.67 23.48 -1.67
N ILE B 114 2.99 23.53 -1.61
CA ILE B 114 3.75 22.49 -0.94
C ILE B 114 5.19 22.93 -0.68
N SER B 115 5.82 22.30 0.31
CA SER B 115 7.20 22.60 0.69
C SER B 115 7.72 21.48 1.59
N LYS B 116 9.04 21.37 1.71
CA LYS B 116 9.66 20.34 2.53
C LYS B 116 8.93 20.23 3.86
N PRO B 117 8.66 19.01 4.34
CA PRO B 117 7.96 18.86 5.62
C PRO B 117 8.66 19.71 6.69
N GLU B 118 8.17 19.64 7.90
CA GLU B 118 8.79 20.38 8.98
C GLU B 118 9.03 19.40 10.18
N GLY B 119 8.18 18.27 10.35
CA GLY B 119 8.30 17.29 11.46
C GLY B 119 9.66 16.64 11.74
N THR B 120 9.94 16.28 13.01
CA THR B 120 11.25 15.70 13.43
C THR B 120 11.69 14.36 12.82
N PRO B 121 12.79 14.39 12.04
CA PRO B 121 13.42 13.26 11.35
C PRO B 121 14.06 12.18 12.23
N ARG B 122 14.07 10.95 11.71
CA ARG B 122 14.65 9.82 12.39
C ARG B 122 15.21 8.88 11.30
N GLY B 123 16.53 8.73 11.26
CA GLY B 123 17.12 7.86 10.26
C GLY B 123 16.80 6.42 10.58
N PRO B 124 16.71 5.53 9.57
CA PRO B 124 16.40 4.12 9.84
C PRO B 124 17.63 3.24 10.10
N GLN B 125 17.38 2.00 10.49
CA GLN B 125 18.46 1.05 10.70
C GLN B 125 18.30 0.12 9.51
N VAL B 126 19.42 -0.28 8.93
CA VAL B 126 19.36 -1.14 7.75
C VAL B 126 20.01 -2.50 7.98
N TYR B 127 19.23 -3.55 7.74
CA TYR B 127 19.71 -4.92 7.91
C TYR B 127 19.48 -5.71 6.63
N THR B 128 20.45 -6.54 6.26
CA THR B 128 20.28 -7.38 5.07
C THR B 128 20.15 -8.81 5.57
N MET B 129 19.36 -9.62 4.87
CA MET B 129 19.17 -11.01 5.26
C MET B 129 19.30 -11.96 4.07
N ALA B 130 19.95 -13.09 4.31
CA ALA B 130 20.16 -14.08 3.28
C ALA B 130 18.86 -14.78 2.99
N PRO B 131 18.81 -15.56 1.90
CA PRO B 131 17.60 -16.30 1.54
C PRO B 131 17.26 -17.29 2.65
N PRO B 132 15.98 -17.41 3.02
CA PRO B 132 15.70 -18.40 4.07
C PRO B 132 16.14 -19.80 3.61
N LYS B 133 16.68 -20.58 4.54
CA LYS B 133 17.18 -21.93 4.24
C LYS B 133 16.23 -22.75 3.36
N GLU B 134 14.95 -22.75 3.72
CA GLU B 134 13.95 -23.50 2.97
C GLU B 134 13.82 -23.08 1.51
N GLU B 135 14.05 -21.80 1.23
CA GLU B 135 13.95 -21.30 -0.13
C GLU B 135 15.07 -21.83 -1.03
N MET B 136 16.18 -22.23 -0.43
CA MET B 136 17.32 -22.73 -1.18
C MET B 136 16.98 -23.92 -2.09
N THR B 137 15.85 -24.57 -1.84
CA THR B 137 15.42 -25.70 -2.66
C THR B 137 14.88 -25.18 -4.00
N GLN B 138 14.58 -23.88 -4.05
CA GLN B 138 14.04 -23.24 -5.25
C GLN B 138 15.13 -22.85 -6.22
N SER B 139 14.74 -22.52 -7.45
CA SER B 139 15.70 -22.12 -8.47
C SER B 139 15.94 -20.60 -8.38
N GLN B 140 14.98 -19.92 -7.75
CA GLN B 140 15.10 -18.50 -7.54
C GLN B 140 15.03 -18.22 -6.04
N VAL B 141 15.90 -17.34 -5.56
CA VAL B 141 15.92 -17.01 -4.14
C VAL B 141 15.79 -15.53 -3.90
N SER B 142 15.52 -15.19 -2.65
CA SER B 142 15.31 -13.80 -2.25
C SER B 142 16.37 -13.26 -1.31
N ILE B 143 16.88 -12.08 -1.63
CA ILE B 143 17.83 -11.43 -0.75
C ILE B 143 16.99 -10.29 -0.18
N THR B 144 16.89 -10.23 1.14
CA THR B 144 16.05 -9.25 1.82
C THR B 144 16.76 -8.13 2.51
N CYS B 145 16.19 -6.93 2.41
CA CYS B 145 16.75 -5.77 3.10
C CYS B 145 15.66 -5.16 3.99
N MET B 146 15.92 -5.11 5.29
CA MET B 146 14.96 -4.53 6.21
C MET B 146 15.39 -3.11 6.56
N VAL B 147 14.48 -2.16 6.39
CA VAL B 147 14.76 -0.78 6.68
C VAL B 147 13.70 -0.34 7.67
N LYS B 148 14.10 -0.13 8.92
CA LYS B 148 13.14 0.26 9.97
C LYS B 148 13.52 1.46 10.85
N GLY B 149 12.48 2.04 11.44
CA GLY B 149 12.64 3.17 12.32
C GLY B 149 12.86 4.52 11.68
N PHE B 150 12.24 4.78 10.54
CA PHE B 150 12.46 6.07 9.90
C PHE B 150 11.26 6.98 9.82
N TYR B 151 11.55 8.27 9.63
CA TYR B 151 10.55 9.33 9.52
C TYR B 151 11.23 10.60 9.06
N PRO B 152 10.59 11.36 8.13
CA PRO B 152 9.29 11.06 7.52
C PRO B 152 9.39 9.81 6.65
N PRO B 153 8.26 9.40 6.03
CA PRO B 153 8.27 8.22 5.17
C PRO B 153 8.75 8.48 3.74
N ASP B 154 9.52 9.54 3.54
CA ASP B 154 10.07 9.84 2.22
C ASP B 154 11.42 9.12 2.21
N ILE B 155 11.57 8.15 1.32
CA ILE B 155 12.79 7.38 1.31
C ILE B 155 13.08 6.79 -0.06
N TYR B 156 14.28 6.26 -0.22
CA TYR B 156 14.70 5.65 -1.48
C TYR B 156 15.55 4.42 -1.19
N THR B 157 15.18 3.30 -1.81
CA THR B 157 15.92 2.05 -1.60
C THR B 157 16.17 1.31 -2.90
N GLU B 158 17.41 0.84 -3.09
CA GLU B 158 17.77 0.09 -4.28
C GLU B 158 18.80 -0.97 -3.94
N TRP B 159 18.95 -1.93 -4.84
CA TRP B 159 19.90 -3.02 -4.66
C TRP B 159 21.01 -2.95 -5.68
N LYS B 160 22.21 -3.34 -5.28
CA LYS B 160 23.34 -3.36 -6.17
C LYS B 160 24.04 -4.71 -6.01
N MET B 161 24.76 -5.11 -7.05
CA MET B 161 25.50 -6.36 -7.04
C MET B 161 26.83 -6.00 -7.69
N ASN B 162 27.93 -6.24 -6.95
CA ASN B 162 29.25 -5.93 -7.42
C ASN B 162 29.32 -4.47 -7.88
N GLY B 163 28.71 -3.58 -7.11
CA GLY B 163 28.70 -2.17 -7.46
C GLY B 163 27.72 -1.76 -8.54
N GLN B 164 27.08 -2.72 -9.19
CA GLN B 164 26.13 -2.39 -10.26
C GLN B 164 24.66 -2.40 -9.79
N PRO B 165 23.95 -1.27 -9.97
CA PRO B 165 22.55 -1.22 -9.56
C PRO B 165 21.77 -2.34 -10.26
N GLN B 166 20.76 -2.89 -9.57
CA GLN B 166 19.99 -4.01 -10.12
C GLN B 166 18.54 -3.69 -10.48
N GLU B 167 18.02 -4.43 -11.44
CA GLU B 167 16.64 -4.20 -11.88
C GLU B 167 15.62 -5.06 -11.17
N ASN B 168 15.96 -6.32 -10.90
CA ASN B 168 15.01 -7.24 -10.29
C ASN B 168 14.85 -7.21 -8.77
N TYR B 169 14.22 -6.16 -8.26
CA TYR B 169 13.98 -6.04 -6.84
C TYR B 169 12.75 -5.16 -6.72
N LYS B 170 12.10 -5.19 -5.55
CA LYS B 170 10.90 -4.38 -5.33
C LYS B 170 10.89 -3.94 -3.89
N ASN B 171 10.36 -2.74 -3.67
CA ASN B 171 10.22 -2.20 -2.33
C ASN B 171 8.74 -2.18 -1.97
N THR B 172 8.46 -2.49 -0.72
CA THR B 172 7.09 -2.45 -0.23
C THR B 172 6.90 -0.98 0.15
N PRO B 173 5.65 -0.51 0.21
CA PRO B 173 5.45 0.89 0.59
C PRO B 173 5.87 1.06 2.06
N PRO B 174 6.29 2.28 2.46
CA PRO B 174 6.67 2.45 3.86
C PRO B 174 5.46 2.06 4.69
N THR B 175 5.65 1.26 5.73
CA THR B 175 4.53 0.85 6.58
C THR B 175 4.64 1.43 7.99
N MET B 176 3.51 1.88 8.51
CA MET B 176 3.41 2.46 9.83
C MET B 176 3.67 1.39 10.89
N ASP B 177 4.60 1.64 11.80
CA ASP B 177 4.91 0.69 12.86
C ASP B 177 4.20 1.03 14.18
N THR B 178 4.25 0.11 15.13
CA THR B 178 3.58 0.32 16.42
C THR B 178 4.15 1.49 17.20
N ASP B 179 5.41 1.83 16.94
CA ASP B 179 6.07 2.91 17.66
C ASP B 179 5.94 4.27 16.99
N GLY B 180 5.21 4.32 15.88
CA GLY B 180 5.04 5.60 15.20
C GLY B 180 5.93 5.81 13.98
N SER B 181 7.04 5.08 13.89
CA SER B 181 7.93 5.25 12.74
C SER B 181 7.52 4.32 11.59
N TYR B 182 8.24 4.41 10.48
CA TYR B 182 7.92 3.56 9.33
C TYR B 182 9.00 2.54 9.08
N PHE B 183 8.61 1.45 8.43
CA PHE B 183 9.57 0.42 8.07
C PHE B 183 9.16 -0.11 6.69
N LEU B 184 10.06 -0.83 6.05
CA LEU B 184 9.76 -1.41 4.77
C LEU B 184 10.80 -2.49 4.44
N TYR B 185 10.46 -3.38 3.53
CA TYR B 185 11.38 -4.43 3.10
C TYR B 185 11.58 -4.29 1.61
N SER B 186 12.79 -4.60 1.16
CA SER B 186 13.15 -4.54 -0.25
C SER B 186 13.67 -5.92 -0.62
N LYS B 187 13.03 -6.56 -1.59
CA LYS B 187 13.44 -7.90 -2.01
C LYS B 187 14.04 -7.98 -3.41
N LEU B 188 15.28 -8.47 -3.46
CA LEU B 188 15.99 -8.64 -4.72
C LEU B 188 15.79 -10.11 -5.09
N ASN B 189 15.30 -10.35 -6.30
CA ASN B 189 15.09 -11.72 -6.74
C ASN B 189 16.26 -12.13 -7.64
N VAL B 190 16.94 -13.21 -7.27
CA VAL B 190 18.07 -13.69 -8.04
C VAL B 190 18.03 -15.21 -8.23
N LYS B 191 18.74 -15.70 -9.23
CA LYS B 191 18.80 -17.14 -9.44
C LYS B 191 19.66 -17.71 -8.33
N LYS B 192 19.29 -18.90 -7.86
CA LYS B 192 20.03 -19.57 -6.79
C LYS B 192 21.53 -19.46 -7.06
N GLU B 193 21.92 -19.81 -8.28
CA GLU B 193 23.32 -19.77 -8.71
C GLU B 193 24.01 -18.48 -8.28
N THR B 194 23.41 -17.36 -8.69
CA THR B 194 23.94 -16.04 -8.41
C THR B 194 24.25 -15.80 -6.93
N TRP B 195 23.42 -16.35 -6.05
CA TRP B 195 23.68 -16.18 -4.63
C TRP B 195 24.86 -17.05 -4.22
N GLN B 196 24.87 -18.30 -4.67
CA GLN B 196 25.94 -19.23 -4.35
C GLN B 196 27.30 -18.83 -4.91
N GLN B 197 27.29 -18.21 -6.09
CA GLN B 197 28.52 -17.79 -6.74
C GLN B 197 29.34 -16.83 -5.87
N GLY B 198 28.68 -16.23 -4.88
CA GLY B 198 29.36 -15.30 -3.98
C GLY B 198 29.54 -13.88 -4.46
N ASN B 199 28.62 -13.37 -5.26
CA ASN B 199 28.72 -11.99 -5.72
C ASN B 199 28.35 -11.14 -4.51
N THR B 200 28.77 -9.87 -4.51
CA THR B 200 28.43 -8.98 -3.38
C THR B 200 27.12 -8.24 -3.65
N PHE B 201 26.17 -8.36 -2.72
CA PHE B 201 24.90 -7.68 -2.87
C PHE B 201 24.87 -6.55 -1.85
N THR B 202 24.52 -5.37 -2.33
CA THR B 202 24.46 -4.19 -1.47
C THR B 202 23.09 -3.52 -1.45
N CYS B 203 22.59 -3.27 -0.25
CA CYS B 203 21.33 -2.61 -0.08
C CYS B 203 21.64 -1.14 0.12
N SER B 204 21.15 -0.29 -0.78
CA SER B 204 21.43 1.14 -0.67
C SER B 204 20.18 1.93 -0.27
N VAL B 205 20.32 2.78 0.75
CA VAL B 205 19.21 3.57 1.26
C VAL B 205 19.51 5.07 1.40
N LEU B 206 18.57 5.90 0.92
CA LEU B 206 18.70 7.35 1.00
C LEU B 206 17.57 7.90 1.86
N HIS B 207 17.94 8.57 2.94
CA HIS B 207 16.98 9.17 3.85
C HIS B 207 17.67 10.36 4.51
N GLU B 208 16.91 11.42 4.79
CA GLU B 208 17.49 12.61 5.38
C GLU B 208 18.04 12.38 6.78
N GLY B 209 17.48 11.39 7.48
CA GLY B 209 17.93 11.11 8.83
C GLY B 209 19.21 10.32 8.98
N LEU B 210 19.82 9.92 7.86
CA LEU B 210 21.06 9.16 7.90
C LEU B 210 22.23 10.14 7.80
N GLU B 211 23.38 9.73 8.32
CA GLU B 211 24.57 10.57 8.25
C GLU B 211 24.95 10.62 6.78
N ASN B 212 25.02 11.82 6.23
CA ASN B 212 25.34 12.05 4.80
C ASN B 212 24.19 11.59 3.92
N GLU B 213 23.01 11.48 4.53
CA GLU B 213 21.77 11.08 3.86
C GLU B 213 21.73 9.67 3.27
N HIS B 214 22.65 8.80 3.66
CA HIS B 214 22.59 7.44 3.15
C HIS B 214 23.48 6.42 3.82
N THR B 215 23.11 5.16 3.64
CA THR B 215 23.84 4.05 4.21
C THR B 215 23.74 2.85 3.30
N GLU B 216 24.83 2.10 3.20
CA GLU B 216 24.89 0.91 2.38
C GLU B 216 25.24 -0.26 3.27
N LYS B 217 24.68 -1.42 2.97
CA LYS B 217 24.93 -2.62 3.76
C LYS B 217 25.11 -3.76 2.79
N SER B 218 26.20 -4.49 2.94
CA SER B 218 26.48 -5.59 2.03
C SER B 218 26.49 -6.97 2.69
N LEU B 219 26.43 -7.99 1.86
CA LEU B 219 26.46 -9.37 2.33
C LEU B 219 26.73 -10.29 1.14
N SER B 220 27.28 -11.47 1.42
CA SER B 220 27.56 -12.45 0.38
C SER B 220 27.60 -13.84 0.99
N HIS B 221 27.60 -14.86 0.14
CA HIS B 221 27.63 -16.23 0.60
C HIS B 221 29.06 -16.68 0.92
#